data_5DTV
#
_entry.id   5DTV
#
_cell.length_a   55.046
_cell.length_b   82.835
_cell.length_c   58.904
_cell.angle_alpha   90.00
_cell.angle_beta   110.53
_cell.angle_gamma   90.00
#
_symmetry.space_group_name_H-M   'P 1 21 1'
#
loop_
_entity.id
_entity.type
_entity.pdbx_description
1 polymer 'Estrogen receptor'
2 polymer 'Nuclear receptor coactivator 2'
3 non-polymer 3,4-bis(4-hydroxy-2-methylphenyl)-1H-1lambda~6~-thiophene-1,1-dione
4 water water
#
loop_
_entity_poly.entity_id
_entity_poly.type
_entity_poly.pdbx_seq_one_letter_code
_entity_poly.pdbx_strand_id
1 'polypeptide(L)'
;IKRSKKNSLALSLTADQMVSALLDAEPPILYSEYDPTRPFSEASMMGLLTNLADRELVHMINWAKRVPGFVDLTLHDQVH
LLECAWLEILMIGLVWRSMEHPGKLLFAPNLLLDRNQGKCVEGMVEIFDMLLATSSRFRMMNLQGEEFVCLKSIILLNSG
VYTFLSSTLKSLEEKDHIHRVLDKITDTLIHLMAKAGLTLQQQHQRLAQLLLILSHIRHMSNKGMEHLYSMKCKNVVPLS
DLLLEMLDAHRLHAPTS
;
A,B
2 'polypeptide(L)' KHKILHRLLQDSSS C,D
#
loop_
_chem_comp.id
_chem_comp.type
_chem_comp.name
_chem_comp.formula
5FS non-polymer 3,4-bis(4-hydroxy-2-methylphenyl)-1H-1lambda~6~-thiophene-1,1-dione 'C18 H16 O4 S'
#
# COMPACT_ATOMS: atom_id res chain seq x y z
N SER A 8 -19.08 13.30 18.68
CA SER A 8 -18.68 13.05 17.29
C SER A 8 -19.88 12.66 16.44
N LEU A 9 -20.28 13.55 15.54
CA LEU A 9 -21.46 13.34 14.71
C LEU A 9 -21.21 12.31 13.61
N ALA A 10 -19.95 12.07 13.29
CA ALA A 10 -19.57 11.15 12.23
C ALA A 10 -20.01 9.72 12.53
N LEU A 11 -20.05 9.37 13.81
CA LEU A 11 -20.41 8.02 14.23
C LEU A 11 -21.92 7.87 14.38
N SER A 12 -22.61 8.99 14.55
CA SER A 12 -24.06 8.98 14.76
C SER A 12 -24.81 9.02 13.44
N LEU A 13 -24.06 9.16 12.34
CA LEU A 13 -24.66 9.21 11.00
C LEU A 13 -25.06 7.83 10.51
N THR A 14 -26.20 7.76 9.83
CA THR A 14 -26.55 6.56 9.09
C THR A 14 -25.69 6.51 7.84
N ALA A 15 -25.51 5.33 7.27
CA ALA A 15 -24.62 5.17 6.12
C ALA A 15 -25.14 5.94 4.90
N ASP A 16 -26.45 6.11 4.82
CA ASP A 16 -27.04 6.91 3.74
C ASP A 16 -26.67 8.38 3.91
N GLN A 17 -26.65 8.84 5.15
CA GLN A 17 -26.23 10.22 5.45
C GLN A 17 -24.74 10.38 5.21
N MET A 18 -23.98 9.34 5.55
CA MET A 18 -22.54 9.33 5.32
C MET A 18 -22.23 9.45 3.83
N VAL A 19 -22.97 8.71 3.02
CA VAL A 19 -22.82 8.75 1.57
C VAL A 19 -23.13 10.14 1.01
N SER A 20 -24.28 10.68 1.41
CA SER A 20 -24.70 11.99 0.96
C SER A 20 -23.76 13.10 1.43
N ALA A 21 -23.21 12.93 2.62
CA ALA A 21 -22.26 13.91 3.17
C ALA A 21 -20.96 13.90 2.37
N LEU A 22 -20.47 12.72 2.04
CA LEU A 22 -19.25 12.59 1.26
C LEU A 22 -19.44 13.09 -0.17
N LEU A 23 -20.58 12.77 -0.77
CA LEU A 23 -20.91 13.24 -2.11
C LEU A 23 -20.97 14.76 -2.18
N ASP A 24 -21.56 15.36 -1.16
CA ASP A 24 -21.77 16.80 -1.12
C ASP A 24 -20.46 17.55 -0.86
N ALA A 25 -19.44 16.82 -0.41
CA ALA A 25 -18.15 17.43 -0.08
C ALA A 25 -17.19 17.35 -1.25
N GLU A 26 -17.58 16.65 -2.31
CA GLU A 26 -16.74 16.45 -3.49
C GLU A 26 -16.22 17.77 -4.07
N PRO A 27 -14.90 17.89 -4.23
CA PRO A 27 -14.29 19.07 -4.83
C PRO A 27 -14.63 19.17 -6.31
N PRO A 28 -14.62 20.39 -6.85
CA PRO A 28 -14.95 20.59 -8.26
C PRO A 28 -13.81 20.17 -9.19
N ILE A 29 -14.14 19.85 -10.43
CA ILE A 29 -13.11 19.56 -11.42
C ILE A 29 -12.57 20.85 -12.01
N LEU A 30 -11.30 21.11 -11.78
CA LEU A 30 -10.67 22.36 -12.22
C LEU A 30 -10.17 22.25 -13.66
N TYR A 31 -9.96 23.39 -14.29
CA TYR A 31 -9.40 23.43 -15.63
C TYR A 31 -7.93 23.80 -15.59
N SER A 32 -7.16 23.29 -16.54
CA SER A 32 -5.79 23.74 -16.73
C SER A 32 -5.80 25.00 -17.59
N GLU A 33 -4.73 25.78 -17.52
CA GLU A 33 -4.64 26.95 -18.38
C GLU A 33 -4.49 26.51 -19.83
N TYR A 34 -5.07 27.28 -20.74
CA TYR A 34 -5.25 26.87 -22.13
C TYR A 34 -4.03 27.14 -23.02
N ASP A 35 -3.89 26.32 -24.06
CA ASP A 35 -2.83 26.47 -25.06
C ASP A 35 -1.45 26.50 -24.44
N PRO A 39 1.48 21.80 -28.52
CA PRO A 39 2.47 20.75 -28.32
C PRO A 39 3.41 21.05 -27.15
N PHE A 40 3.60 20.06 -26.29
CA PHE A 40 4.30 20.28 -25.03
C PHE A 40 5.78 19.91 -25.06
N SER A 41 6.58 20.66 -24.31
CA SER A 41 7.94 20.26 -23.98
C SER A 41 7.88 19.51 -22.66
N GLU A 42 8.96 19.55 -21.90
CA GLU A 42 8.94 18.94 -20.57
C GLU A 42 8.77 20.02 -19.50
N ALA A 43 9.14 21.25 -19.84
CA ALA A 43 8.99 22.36 -18.93
C ALA A 43 7.57 22.91 -18.98
N SER A 44 6.97 22.89 -20.16
CA SER A 44 5.61 23.36 -20.35
C SER A 44 4.60 22.38 -19.77
N MET A 45 4.81 21.09 -20.01
CA MET A 45 3.93 20.06 -19.48
C MET A 45 3.98 20.04 -17.96
N MET A 46 5.17 20.06 -17.40
CA MET A 46 5.35 20.11 -15.95
C MET A 46 4.80 21.41 -15.38
N GLY A 47 4.88 22.48 -16.17
CA GLY A 47 4.35 23.76 -15.76
C GLY A 47 2.85 23.73 -15.56
N LEU A 48 2.14 23.14 -16.52
CA LEU A 48 0.70 23.00 -16.44
C LEU A 48 0.29 22.11 -15.27
N LEU A 49 0.93 20.96 -15.15
CA LEU A 49 0.60 19.98 -14.12
C LEU A 49 0.86 20.51 -12.72
N THR A 50 1.96 21.24 -12.55
CA THR A 50 2.31 21.82 -11.25
C THR A 50 1.27 22.86 -10.84
N ASN A 51 0.88 23.71 -11.77
CA ASN A 51 -0.14 24.72 -11.51
C ASN A 51 -1.48 24.09 -11.15
N LEU A 52 -1.85 23.05 -11.90
CA LEU A 52 -3.11 22.34 -11.67
C LEU A 52 -3.10 21.61 -10.33
N ALA A 53 -2.01 20.89 -10.07
CA ALA A 53 -1.88 20.12 -8.83
C ALA A 53 -1.93 21.03 -7.61
N ASP A 54 -1.29 22.19 -7.72
CA ASP A 54 -1.27 23.14 -6.61
C ASP A 54 -2.66 23.69 -6.33
N ARG A 55 -3.45 23.89 -7.38
CA ARG A 55 -4.81 24.38 -7.22
C ARG A 55 -5.74 23.28 -6.71
N GLU A 56 -5.53 22.05 -7.16
CA GLU A 56 -6.30 20.92 -6.68
C GLU A 56 -6.03 20.68 -5.19
N LEU A 57 -4.82 20.97 -4.75
CA LEU A 57 -4.44 20.82 -3.35
C LEU A 57 -5.30 21.70 -2.45
N VAL A 58 -5.50 22.95 -2.86
CA VAL A 58 -6.29 23.91 -2.10
C VAL A 58 -7.71 23.40 -1.87
N HIS A 59 -8.30 22.83 -2.91
CA HIS A 59 -9.65 22.30 -2.82
C HIS A 59 -9.71 21.01 -1.99
N MET A 60 -8.67 20.20 -2.08
CA MET A 60 -8.61 18.95 -1.32
C MET A 60 -8.59 19.23 0.18
N ILE A 61 -7.80 20.21 0.59
CA ILE A 61 -7.66 20.59 1.99
C ILE A 61 -9.01 21.05 2.57
N ASN A 62 -9.77 21.77 1.76
CA ASN A 62 -11.10 22.20 2.18
C ASN A 62 -12.11 21.05 2.12
N TRP A 63 -11.86 20.10 1.23
CA TRP A 63 -12.68 18.90 1.15
C TRP A 63 -12.49 18.03 2.39
N ALA A 64 -11.25 17.98 2.89
CA ALA A 64 -10.91 17.17 4.05
C ALA A 64 -11.67 17.64 5.29
N LYS A 65 -11.85 18.96 5.41
CA LYS A 65 -12.57 19.54 6.53
C LYS A 65 -14.05 19.15 6.52
N ARG A 66 -14.52 18.67 5.37
CA ARG A 66 -15.91 18.30 5.21
C ARG A 66 -16.11 16.78 5.28
N VAL A 67 -15.00 16.06 5.44
CA VAL A 67 -15.07 14.61 5.64
C VAL A 67 -15.45 14.32 7.09
N PRO A 68 -16.55 13.59 7.30
CA PRO A 68 -17.11 13.30 8.62
C PRO A 68 -16.09 12.70 9.59
N GLY A 69 -15.79 13.42 10.66
CA GLY A 69 -14.88 12.94 11.68
C GLY A 69 -13.50 13.55 11.60
N PHE A 70 -13.18 14.14 10.45
CA PHE A 70 -11.87 14.75 10.25
C PHE A 70 -11.74 16.05 11.02
N VAL A 71 -12.87 16.75 11.21
CA VAL A 71 -12.87 18.01 11.94
C VAL A 71 -12.66 17.77 13.43
N ASP A 72 -12.98 16.56 13.87
CA ASP A 72 -12.89 16.20 15.28
C ASP A 72 -11.44 16.00 15.71
N LEU A 73 -10.57 15.75 14.73
CA LEU A 73 -9.15 15.57 15.01
C LEU A 73 -8.50 16.90 15.38
N THR A 74 -7.40 16.84 16.12
CA THR A 74 -6.65 18.05 16.43
C THR A 74 -5.98 18.57 15.16
N LEU A 75 -5.55 19.83 15.21
CA LEU A 75 -5.02 20.51 14.03
C LEU A 75 -3.85 19.77 13.36
N HIS A 76 -2.88 19.35 14.15
CA HIS A 76 -1.66 18.76 13.61
C HIS A 76 -1.78 17.26 13.33
N ASP A 77 -2.84 16.66 13.83
CA ASP A 77 -3.20 15.30 13.40
C ASP A 77 -3.84 15.37 12.01
N GLN A 78 -4.58 16.44 11.77
CA GLN A 78 -5.13 16.72 10.44
C GLN A 78 -3.99 16.95 9.46
N VAL A 79 -2.96 17.66 9.93
CA VAL A 79 -1.78 17.94 9.13
C VAL A 79 -1.05 16.66 8.76
N HIS A 80 -0.87 15.77 9.73
CA HIS A 80 -0.16 14.51 9.53
C HIS A 80 -0.85 13.66 8.46
N LEU A 81 -2.16 13.49 8.59
CA LEU A 81 -2.92 12.67 7.66
C LEU A 81 -2.92 13.26 6.26
N LEU A 82 -2.99 14.58 6.16
CA LEU A 82 -2.99 15.25 4.87
C LEU A 82 -1.60 15.23 4.23
N GLU A 83 -0.56 15.36 5.05
CA GLU A 83 0.81 15.30 4.55
C GLU A 83 1.16 13.91 4.02
N CYS A 84 0.57 12.88 4.62
CA CYS A 84 0.89 11.51 4.26
C CYS A 84 0.10 11.02 3.05
N ALA A 85 -1.10 11.56 2.85
CA ALA A 85 -2.02 10.99 1.87
C ALA A 85 -2.38 11.93 0.72
N TRP A 86 -1.76 13.11 0.66
CA TRP A 86 -2.16 14.11 -0.32
C TRP A 86 -1.97 13.65 -1.76
N LEU A 87 -0.89 12.91 -2.02
CA LEU A 87 -0.61 12.45 -3.37
C LEU A 87 -1.51 11.27 -3.74
N GLU A 88 -1.83 10.43 -2.76
CA GLU A 88 -2.74 9.32 -2.97
C GLU A 88 -4.12 9.83 -3.35
N ILE A 89 -4.60 10.83 -2.61
CA ILE A 89 -5.91 11.41 -2.84
C ILE A 89 -5.97 12.09 -4.22
N LEU A 90 -4.92 12.82 -4.57
CA LEU A 90 -4.85 13.46 -5.88
C LEU A 90 -4.83 12.42 -7.00
N MET A 91 -4.17 11.29 -6.75
CA MET A 91 -4.05 10.24 -7.75
C MET A 91 -5.36 9.48 -7.95
N ILE A 92 -6.02 9.10 -6.86
CA ILE A 92 -7.28 8.36 -6.95
C ILE A 92 -8.37 9.26 -7.54
N GLY A 93 -8.19 10.57 -7.41
CA GLY A 93 -9.10 11.53 -8.02
C GLY A 93 -8.89 11.57 -9.52
N LEU A 94 -7.63 11.67 -9.93
CA LEU A 94 -7.28 11.66 -11.35
C LEU A 94 -7.75 10.38 -12.02
N VAL A 95 -7.53 9.26 -11.35
CA VAL A 95 -7.93 7.95 -11.86
C VAL A 95 -9.45 7.84 -12.02
N TRP A 96 -10.18 8.42 -11.08
CA TRP A 96 -11.64 8.34 -11.09
C TRP A 96 -12.28 9.11 -12.25
N ARG A 97 -11.77 10.30 -12.54
CA ARG A 97 -12.35 11.12 -13.59
C ARG A 97 -11.77 10.76 -14.96
N SER A 98 -10.81 9.85 -14.97
CA SER A 98 -10.22 9.36 -16.22
C SER A 98 -10.83 8.01 -16.59
N MET A 99 -11.84 7.58 -15.83
CA MET A 99 -12.38 6.23 -15.96
C MET A 99 -13.10 6.01 -17.28
N GLU A 100 -13.84 7.02 -17.73
CA GLU A 100 -14.60 6.90 -18.98
C GLU A 100 -13.75 7.23 -20.20
N HIS A 101 -12.46 7.42 -19.98
CA HIS A 101 -11.53 7.71 -21.07
C HIS A 101 -10.37 6.71 -21.05
N PRO A 102 -10.61 5.47 -21.50
CA PRO A 102 -9.62 4.40 -21.46
C PRO A 102 -8.35 4.74 -22.26
N GLY A 103 -7.19 4.46 -21.68
CA GLY A 103 -5.93 4.74 -22.33
C GLY A 103 -5.54 6.20 -22.20
N LYS A 104 -6.36 6.97 -21.49
CA LYS A 104 -6.10 8.40 -21.31
C LYS A 104 -6.30 8.82 -19.86
N LEU A 105 -5.58 9.86 -19.46
CA LEU A 105 -5.74 10.43 -18.12
C LEU A 105 -6.31 11.84 -18.21
N LEU A 106 -7.47 12.03 -17.59
CA LEU A 106 -8.14 13.33 -17.63
C LEU A 106 -7.69 14.21 -16.46
N PHE A 107 -6.54 14.85 -16.62
CA PHE A 107 -6.04 15.80 -15.63
C PHE A 107 -7.01 16.96 -15.49
N ALA A 108 -7.52 17.41 -16.63
CA ALA A 108 -8.51 18.47 -16.70
C ALA A 108 -9.35 18.26 -17.95
N PRO A 109 -10.59 18.80 -17.97
CA PRO A 109 -11.44 18.66 -19.15
C PRO A 109 -10.79 19.18 -20.43
N ASN A 110 -9.87 20.13 -20.27
CA ASN A 110 -9.10 20.64 -21.41
C ASN A 110 -7.66 20.13 -21.38
N LEU A 111 -7.44 19.03 -20.67
CA LEU A 111 -6.11 18.43 -20.57
C LEU A 111 -6.19 16.91 -20.44
N LEU A 112 -6.51 16.26 -21.56
CA LEU A 112 -6.60 14.80 -21.60
C LEU A 112 -5.36 14.23 -22.28
N LEU A 113 -4.58 13.45 -21.54
CA LEU A 113 -3.30 12.95 -22.05
C LEU A 113 -3.25 11.43 -22.15
N ASP A 114 -2.50 10.94 -23.13
CA ASP A 114 -2.20 9.51 -23.22
C ASP A 114 -0.78 9.26 -22.72
N ARG A 115 -0.39 7.99 -22.60
CA ARG A 115 0.93 7.67 -22.07
C ARG A 115 2.05 8.09 -23.01
N ASN A 116 1.73 8.18 -24.30
CA ASN A 116 2.71 8.61 -25.29
C ASN A 116 3.13 10.06 -25.08
N GLN A 117 2.21 10.85 -24.52
CA GLN A 117 2.48 12.25 -24.22
C GLN A 117 3.13 12.37 -22.85
N GLY A 118 2.93 11.36 -22.02
CA GLY A 118 3.52 11.32 -20.71
C GLY A 118 5.04 11.15 -20.74
N LYS A 119 5.57 10.81 -21.92
CA LYS A 119 6.99 10.54 -22.07
C LYS A 119 7.81 11.80 -22.26
N CYS A 120 7.13 12.93 -22.41
CA CYS A 120 7.83 14.21 -22.57
C CYS A 120 8.56 14.58 -21.29
N VAL A 121 8.00 14.19 -20.16
CA VAL A 121 8.64 14.38 -18.86
C VAL A 121 9.36 13.10 -18.44
N GLU A 122 10.62 13.23 -18.04
CA GLU A 122 11.46 12.09 -17.68
C GLU A 122 10.94 11.37 -16.43
N GLY A 123 10.79 10.05 -16.55
CA GLY A 123 10.40 9.23 -15.43
C GLY A 123 8.94 9.36 -15.02
N MET A 124 8.14 10.00 -15.88
CA MET A 124 6.73 10.19 -15.59
C MET A 124 5.88 9.07 -16.20
N VAL A 125 6.42 8.45 -17.25
CA VAL A 125 5.69 7.43 -18.00
C VAL A 125 5.40 6.18 -17.16
N GLU A 126 6.28 5.86 -16.22
CA GLU A 126 6.08 4.71 -15.34
C GLU A 126 4.83 4.89 -14.49
N ILE A 127 4.70 6.07 -13.90
CA ILE A 127 3.57 6.37 -13.03
C ILE A 127 2.27 6.48 -13.83
N PHE A 128 2.38 7.00 -15.06
CA PHE A 128 1.22 7.11 -15.94
C PHE A 128 0.59 5.75 -16.21
N ASP A 129 1.43 4.77 -16.54
CA ASP A 129 0.95 3.41 -16.81
C ASP A 129 0.32 2.82 -15.56
N MET A 130 0.91 3.10 -14.41
CA MET A 130 0.35 2.66 -13.14
C MET A 130 -0.99 3.34 -12.88
N LEU A 131 -1.06 4.62 -13.21
CA LEU A 131 -2.31 5.37 -13.09
C LEU A 131 -3.35 4.85 -14.06
N LEU A 132 -2.94 4.61 -15.30
CA LEU A 132 -3.84 4.07 -16.32
C LEU A 132 -4.31 2.67 -15.96
N ALA A 133 -3.43 1.88 -15.34
CA ALA A 133 -3.78 0.52 -14.92
C ALA A 133 -4.81 0.55 -13.81
N THR A 134 -4.70 1.54 -12.93
CA THR A 134 -5.65 1.72 -11.84
C THR A 134 -7.03 2.08 -12.39
N SER A 135 -7.05 2.91 -13.42
CA SER A 135 -8.29 3.33 -14.05
C SER A 135 -8.99 2.16 -14.73
N SER A 136 -8.21 1.32 -15.41
CA SER A 136 -8.75 0.15 -16.08
C SER A 136 -9.31 -0.85 -15.07
N ARG A 137 -8.73 -0.87 -13.87
CA ARG A 137 -9.22 -1.73 -12.81
C ARG A 137 -10.56 -1.23 -12.27
N PHE A 138 -10.66 0.09 -12.10
CA PHE A 138 -11.91 0.70 -11.66
C PHE A 138 -13.02 0.46 -12.68
N ARG A 139 -12.66 0.50 -13.96
CA ARG A 139 -13.60 0.26 -15.04
C ARG A 139 -14.07 -1.19 -15.04
N MET A 140 -13.12 -2.09 -14.84
CA MET A 140 -13.40 -3.53 -14.79
C MET A 140 -14.35 -3.87 -13.64
N MET A 141 -14.12 -3.25 -12.50
CA MET A 141 -14.96 -3.49 -11.32
C MET A 141 -16.26 -2.71 -11.37
N ASN A 142 -16.36 -1.81 -12.34
CA ASN A 142 -17.49 -0.88 -12.44
C ASN A 142 -17.65 -0.10 -11.13
N LEU A 143 -16.56 0.54 -10.71
CA LEU A 143 -16.54 1.31 -9.47
C LEU A 143 -17.58 2.43 -9.51
N GLN A 144 -18.43 2.47 -8.48
CA GLN A 144 -19.47 3.49 -8.39
C GLN A 144 -18.95 4.73 -7.66
N GLY A 145 -19.63 5.86 -7.84
CA GLY A 145 -19.25 7.10 -7.23
C GLY A 145 -19.31 7.07 -5.71
N GLU A 146 -20.31 6.37 -5.18
CA GLU A 146 -20.48 6.26 -3.74
C GLU A 146 -19.36 5.44 -3.11
N GLU A 147 -18.86 4.46 -3.86
CA GLU A 147 -17.74 3.65 -3.41
C GLU A 147 -16.44 4.45 -3.47
N PHE A 148 -16.31 5.25 -4.51
CA PHE A 148 -15.12 6.07 -4.72
C PHE A 148 -14.89 7.08 -3.59
N VAL A 149 -15.94 7.79 -3.21
CA VAL A 149 -15.81 8.79 -2.15
C VAL A 149 -15.53 8.15 -0.80
N CYS A 150 -15.96 6.90 -0.63
CA CYS A 150 -15.67 6.15 0.58
C CYS A 150 -14.19 5.78 0.62
N LEU A 151 -13.67 5.31 -0.50
CA LEU A 151 -12.26 4.93 -0.60
C LEU A 151 -11.34 6.12 -0.38
N LYS A 152 -11.73 7.27 -0.92
CA LYS A 152 -10.90 8.47 -0.83
C LYS A 152 -10.77 8.97 0.61
N SER A 153 -11.87 8.92 1.36
CA SER A 153 -11.85 9.33 2.76
C SER A 153 -11.13 8.28 3.61
N ILE A 154 -11.20 7.03 3.18
CA ILE A 154 -10.46 5.96 3.84
C ILE A 154 -8.96 6.22 3.73
N ILE A 155 -8.52 6.56 2.52
CA ILE A 155 -7.12 6.92 2.28
C ILE A 155 -6.67 8.06 3.20
N LEU A 156 -7.52 9.08 3.31
CA LEU A 156 -7.24 10.25 4.15
C LEU A 156 -7.00 9.87 5.61
N LEU A 157 -7.77 8.91 6.11
CA LEU A 157 -7.73 8.55 7.52
C LEU A 157 -6.74 7.42 7.83
N ASN A 158 -6.51 6.54 6.85
CA ASN A 158 -5.72 5.35 7.09
C ASN A 158 -4.23 5.49 6.81
N SER A 159 -3.88 6.30 5.80
CA SER A 159 -2.52 6.36 5.30
C SER A 159 -1.46 6.73 6.33
N GLY A 160 -1.80 7.64 7.24
CA GLY A 160 -0.84 8.12 8.22
C GLY A 160 -1.18 7.78 9.66
N VAL A 161 -2.18 6.92 9.86
CA VAL A 161 -2.65 6.60 11.19
C VAL A 161 -1.66 5.72 11.96
N TYR A 162 -0.75 5.07 11.23
CA TYR A 162 0.20 4.14 11.84
C TYR A 162 1.56 4.79 12.08
N THR A 163 1.58 6.12 12.17
CA THR A 163 2.81 6.85 12.41
C THR A 163 2.67 7.75 13.65
N LYS A 175 -6.05 7.93 17.97
CA LYS A 175 -5.96 6.90 16.95
C LYS A 175 -7.19 6.00 16.96
N ASP A 176 -7.75 5.81 18.16
CA ASP A 176 -8.94 4.97 18.32
C ASP A 176 -10.13 5.60 17.60
N HIS A 177 -10.20 6.93 17.62
CA HIS A 177 -11.29 7.66 16.97
C HIS A 177 -11.18 7.58 15.45
N ILE A 178 -9.96 7.49 14.94
CA ILE A 178 -9.76 7.38 13.49
C ILE A 178 -10.17 5.99 13.03
N HIS A 179 -9.82 4.97 13.81
CA HIS A 179 -10.26 3.60 13.54
C HIS A 179 -11.76 3.49 13.76
N ARG A 180 -12.29 4.32 14.66
CA ARG A 180 -13.72 4.41 14.90
C ARG A 180 -14.45 4.76 13.60
N VAL A 181 -13.96 5.81 12.94
CA VAL A 181 -14.58 6.31 11.72
C VAL A 181 -14.34 5.38 10.54
N LEU A 182 -13.15 4.79 10.48
CA LEU A 182 -12.80 3.86 9.40
C LEU A 182 -13.75 2.67 9.36
N ASP A 183 -14.19 2.22 10.53
CA ASP A 183 -15.13 1.11 10.63
C ASP A 183 -16.49 1.47 10.04
N LYS A 184 -16.95 2.69 10.28
CA LYS A 184 -18.25 3.13 9.80
C LYS A 184 -18.29 3.26 8.29
N ILE A 185 -17.14 3.61 7.69
CA ILE A 185 -17.03 3.69 6.25
C ILE A 185 -17.09 2.29 5.64
N THR A 186 -16.53 1.31 6.37
CA THR A 186 -16.63 -0.08 5.98
C THR A 186 -18.10 -0.51 6.02
N ASP A 187 -18.79 -0.13 7.08
CA ASP A 187 -20.22 -0.38 7.20
C ASP A 187 -20.97 0.33 6.07
N THR A 188 -20.51 1.52 5.73
CA THR A 188 -21.12 2.32 4.66
C THR A 188 -20.91 1.63 3.31
N LEU A 189 -19.72 1.09 3.10
CA LEU A 189 -19.41 0.37 1.87
C LEU A 189 -20.30 -0.86 1.70
N ILE A 190 -20.33 -1.70 2.74
CA ILE A 190 -21.15 -2.91 2.73
C ILE A 190 -22.63 -2.58 2.51
N HIS A 191 -23.09 -1.50 3.13
CA HIS A 191 -24.47 -1.05 2.97
C HIS A 191 -24.78 -0.72 1.51
N LEU A 192 -23.86 0.01 0.87
CA LEU A 192 -24.00 0.36 -0.54
C LEU A 192 -24.11 -0.89 -1.42
N MET A 193 -23.25 -1.87 -1.11
CA MET A 193 -23.17 -3.08 -1.91
C MET A 193 -24.33 -4.03 -1.62
N ALA A 194 -24.98 -3.83 -0.48
CA ALA A 194 -26.19 -4.57 -0.16
C ALA A 194 -27.37 -3.98 -0.92
N LYS A 195 -27.31 -2.68 -1.18
CA LYS A 195 -28.34 -1.99 -1.96
C LYS A 195 -28.33 -2.45 -3.41
N ALA A 196 -27.14 -2.76 -3.92
CA ALA A 196 -26.98 -3.13 -5.32
C ALA A 196 -27.30 -4.60 -5.57
N GLY A 197 -27.82 -5.28 -4.55
CA GLY A 197 -28.28 -6.66 -4.69
C GLY A 197 -27.17 -7.68 -4.77
N LEU A 198 -26.08 -7.45 -4.03
CA LEU A 198 -24.98 -8.41 -3.98
C LEU A 198 -25.17 -9.37 -2.80
N THR A 199 -24.91 -10.64 -3.03
CA THR A 199 -25.02 -11.65 -1.98
C THR A 199 -23.90 -11.48 -0.97
N LEU A 200 -24.11 -11.98 0.24
CA LEU A 200 -23.16 -11.87 1.34
C LEU A 200 -21.71 -12.15 0.91
N GLN A 201 -21.54 -13.25 0.19
CA GLN A 201 -20.21 -13.63 -0.30
C GLN A 201 -19.65 -12.58 -1.25
N GLN A 202 -20.48 -12.13 -2.19
CA GLN A 202 -20.08 -11.11 -3.16
C GLN A 202 -19.71 -9.79 -2.49
N GLN A 203 -20.17 -9.59 -1.26
CA GLN A 203 -19.99 -8.32 -0.57
C GLN A 203 -18.61 -8.17 0.07
N HIS A 204 -18.13 -9.21 0.75
CA HIS A 204 -16.80 -9.11 1.35
C HIS A 204 -15.71 -9.43 0.33
N GLN A 205 -16.10 -10.03 -0.79
CA GLN A 205 -15.18 -10.25 -1.89
C GLN A 205 -14.80 -8.94 -2.56
N ARG A 206 -15.81 -8.19 -3.00
CA ARG A 206 -15.58 -6.91 -3.67
C ARG A 206 -15.03 -5.87 -2.70
N LEU A 207 -15.49 -5.92 -1.45
CA LEU A 207 -14.92 -5.07 -0.40
C LEU A 207 -13.41 -5.26 -0.32
N ALA A 208 -12.99 -6.53 -0.33
CA ALA A 208 -11.57 -6.87 -0.32
C ALA A 208 -10.87 -6.32 -1.57
N GLN A 209 -11.51 -6.51 -2.72
CA GLN A 209 -10.96 -6.04 -3.98
C GLN A 209 -10.75 -4.53 -3.97
N LEU A 210 -11.74 -3.81 -3.44
CA LEU A 210 -11.66 -2.36 -3.33
C LEU A 210 -10.48 -1.90 -2.48
N LEU A 211 -10.33 -2.53 -1.32
CA LEU A 211 -9.31 -2.12 -0.35
C LEU A 211 -7.91 -2.51 -0.79
N LEU A 212 -7.80 -3.57 -1.58
CA LEU A 212 -6.49 -4.01 -2.08
C LEU A 212 -5.93 -3.01 -3.10
N ILE A 213 -6.81 -2.26 -3.74
CA ILE A 213 -6.41 -1.22 -4.69
C ILE A 213 -5.58 -0.15 -3.98
N LEU A 214 -5.91 0.10 -2.72
CA LEU A 214 -5.24 1.12 -1.93
C LEU A 214 -3.76 0.83 -1.73
N SER A 215 -3.40 -0.44 -1.82
CA SER A 215 -2.00 -0.85 -1.73
C SER A 215 -1.23 -0.36 -2.96
N HIS A 216 -1.87 -0.46 -4.12
CA HIS A 216 -1.27 0.00 -5.37
C HIS A 216 -1.21 1.52 -5.42
N ILE A 217 -2.29 2.16 -4.99
CA ILE A 217 -2.36 3.62 -4.95
C ILE A 217 -1.27 4.17 -4.02
N ARG A 218 -1.05 3.47 -2.91
CA ARG A 218 0.04 3.81 -2.00
C ARG A 218 1.38 3.69 -2.70
N HIS A 219 1.54 2.62 -3.49
CA HIS A 219 2.77 2.38 -4.24
C HIS A 219 3.02 3.46 -5.28
N MET A 220 1.95 3.85 -5.99
CA MET A 220 2.05 4.92 -6.98
C MET A 220 2.48 6.23 -6.32
N SER A 221 1.89 6.53 -5.18
CA SER A 221 2.19 7.76 -4.45
C SER A 221 3.65 7.82 -4.02
N ASN A 222 4.17 6.71 -3.50
CA ASN A 222 5.56 6.64 -3.07
C ASN A 222 6.50 6.82 -4.25
N LYS A 223 6.19 6.16 -5.37
CA LYS A 223 6.99 6.30 -6.58
C LYS A 223 6.74 7.66 -7.22
N GLY A 224 5.57 8.24 -6.97
CA GLY A 224 5.25 9.57 -7.43
C GLY A 224 5.98 10.62 -6.61
N MET A 225 6.07 10.36 -5.31
CA MET A 225 6.80 11.24 -4.40
C MET A 225 8.28 11.29 -4.78
N GLU A 226 8.82 10.15 -5.15
CA GLU A 226 10.21 10.04 -5.58
C GLU A 226 10.47 10.87 -6.84
N HIS A 227 9.50 10.84 -7.74
CA HIS A 227 9.63 11.52 -9.03
C HIS A 227 9.60 13.04 -8.90
N LEU A 228 8.82 13.55 -7.94
CA LEU A 228 8.70 14.98 -7.74
C LEU A 228 9.93 15.57 -7.05
N TYR A 229 10.50 14.80 -6.12
CA TYR A 229 11.74 15.20 -5.47
C TYR A 229 12.87 15.24 -6.49
N SER A 230 12.76 14.39 -7.51
CA SER A 230 13.71 14.38 -8.61
C SER A 230 13.56 15.63 -9.47
N MET A 231 12.35 16.17 -9.51
CA MET A 231 12.06 17.38 -10.28
C MET A 231 12.49 18.63 -9.51
N LYS A 232 12.58 18.50 -8.19
CA LYS A 232 13.02 19.60 -7.35
C LYS A 232 14.52 19.84 -7.48
N CYS A 233 15.29 18.76 -7.39
CA CYS A 233 16.75 18.85 -7.46
C CYS A 233 17.23 19.09 -8.88
N LYS A 234 16.35 18.89 -9.85
CA LYS A 234 16.66 19.20 -11.25
C LYS A 234 16.22 20.62 -11.58
N ASN A 235 15.18 21.07 -10.89
CA ASN A 235 14.67 22.43 -11.00
C ASN A 235 14.36 22.84 -12.45
N VAL A 236 13.36 22.20 -13.04
CA VAL A 236 12.84 22.65 -14.32
C VAL A 236 11.64 23.56 -14.05
N VAL A 237 10.72 23.09 -13.23
CA VAL A 237 9.62 23.91 -12.75
C VAL A 237 9.83 24.23 -11.28
N PRO A 238 9.90 25.53 -10.95
CA PRO A 238 9.94 25.95 -9.55
C PRO A 238 8.62 25.59 -8.86
N LEU A 239 8.63 24.48 -8.12
CA LEU A 239 7.41 23.97 -7.50
C LEU A 239 6.78 24.98 -6.54
N SER A 240 5.48 24.86 -6.34
CA SER A 240 4.75 25.71 -5.41
C SER A 240 5.25 25.50 -3.98
N ASP A 241 5.25 26.57 -3.20
CA ASP A 241 5.69 26.49 -1.81
C ASP A 241 4.81 25.57 -0.99
N LEU A 242 3.53 25.49 -1.34
CA LEU A 242 2.62 24.54 -0.72
C LEU A 242 3.00 23.13 -1.14
N LEU A 243 3.21 22.94 -2.43
CA LEU A 243 3.59 21.64 -2.97
C LEU A 243 4.96 21.21 -2.45
N LEU A 244 5.83 22.19 -2.20
CA LEU A 244 7.14 21.93 -1.61
C LEU A 244 7.02 21.51 -0.15
N GLU A 245 6.08 22.14 0.57
CA GLU A 245 5.86 21.80 1.97
C GLU A 245 5.30 20.39 2.13
N MET A 246 4.43 19.99 1.21
CA MET A 246 3.86 18.65 1.24
C MET A 246 4.91 17.62 0.85
N LEU A 247 5.80 18.00 -0.07
CA LEU A 247 6.81 17.10 -0.60
C LEU A 247 7.94 16.87 0.39
N ASP A 248 8.36 17.94 1.07
CA ASP A 248 9.43 17.84 2.05
C ASP A 248 8.96 17.19 3.34
N ALA A 249 7.65 17.03 3.47
CA ALA A 249 7.07 16.42 4.66
C ALA A 249 7.36 14.93 4.73
N HIS A 250 7.65 14.33 3.58
CA HIS A 250 7.90 12.89 3.51
C HIS A 250 9.35 12.53 3.85
N ARG A 251 9.98 13.39 4.65
CA ARG A 251 11.26 13.08 5.30
C ARG A 251 11.62 14.18 6.29
N LYS B 3 3.90 26.96 8.40
CA LYS B 3 3.64 26.27 7.15
C LYS B 3 2.32 26.73 6.54
N ILE B 4 2.15 26.47 5.24
CA ILE B 4 0.98 26.95 4.49
C ILE B 4 -0.25 26.10 4.77
N LEU B 5 -0.04 24.79 4.87
CA LEU B 5 -1.12 23.85 5.20
C LEU B 5 -1.88 24.34 6.43
N HIS B 6 -1.15 24.88 7.40
CA HIS B 6 -1.72 25.44 8.61
C HIS B 6 -2.85 26.43 8.36
N ARG B 7 -2.54 27.44 7.56
CA ARG B 7 -3.44 28.54 7.32
C ARG B 7 -4.68 28.08 6.56
N LEU B 8 -4.50 27.15 5.63
CA LEU B 8 -5.59 26.67 4.80
C LEU B 8 -6.56 25.80 5.60
N LEU B 9 -6.07 25.19 6.66
CA LEU B 9 -6.90 24.31 7.50
C LEU B 9 -7.63 25.06 8.60
N GLN B 10 -7.30 26.34 8.76
CA GLN B 10 -7.87 27.14 9.84
C GLN B 10 -9.00 28.06 9.36
N ASP B 11 -9.03 28.30 8.05
CA ASP B 11 -10.05 29.18 7.48
C ASP B 11 -11.26 28.38 7.01
N SER C 8 -7.14 -26.37 -11.89
CA SER C 8 -6.64 -25.72 -10.69
C SER C 8 -7.24 -26.34 -9.44
N LEU C 9 -6.38 -26.78 -8.52
CA LEU C 9 -6.83 -27.41 -7.29
C LEU C 9 -6.97 -26.40 -6.15
N ALA C 10 -6.39 -25.22 -6.35
CA ALA C 10 -6.46 -24.15 -5.35
C ALA C 10 -7.88 -23.59 -5.26
N LEU C 11 -8.64 -23.77 -6.35
CA LEU C 11 -10.02 -23.33 -6.42
C LEU C 11 -10.95 -24.40 -5.87
N SER C 12 -10.40 -25.58 -5.66
CA SER C 12 -11.18 -26.71 -5.17
C SER C 12 -11.03 -26.85 -3.66
N LEU C 13 -10.07 -26.11 -3.10
CA LEU C 13 -9.79 -26.19 -1.67
C LEU C 13 -10.87 -25.55 -0.82
N THR C 14 -11.35 -26.30 0.16
CA THR C 14 -12.20 -25.72 1.20
C THR C 14 -11.38 -24.71 1.98
N ALA C 15 -12.04 -23.81 2.69
CA ALA C 15 -11.33 -22.80 3.46
C ALA C 15 -10.51 -23.42 4.58
N ASP C 16 -10.94 -24.59 5.06
CA ASP C 16 -10.18 -25.35 6.03
C ASP C 16 -8.93 -25.93 5.38
N GLN C 17 -9.07 -26.42 4.15
CA GLN C 17 -7.95 -26.97 3.41
C GLN C 17 -6.99 -25.86 2.97
N MET C 18 -7.55 -24.67 2.77
CA MET C 18 -6.75 -23.50 2.40
C MET C 18 -5.78 -23.14 3.52
N VAL C 19 -6.30 -23.10 4.74
CA VAL C 19 -5.49 -22.78 5.91
C VAL C 19 -4.41 -23.83 6.14
N SER C 20 -4.80 -25.10 6.08
CA SER C 20 -3.88 -26.21 6.30
C SER C 20 -2.71 -26.17 5.32
N ALA C 21 -3.03 -25.97 4.04
CA ALA C 21 -2.00 -25.87 3.01
C ALA C 21 -1.06 -24.70 3.28
N LEU C 22 -1.63 -23.59 3.72
CA LEU C 22 -0.85 -22.39 4.01
C LEU C 22 -0.03 -22.55 5.29
N LEU C 23 -0.62 -23.17 6.30
CA LEU C 23 0.06 -23.39 7.58
C LEU C 23 1.26 -24.30 7.43
N ASP C 24 1.09 -25.40 6.72
CA ASP C 24 2.15 -26.40 6.55
C ASP C 24 3.22 -25.94 5.55
N ALA C 25 2.96 -24.83 4.86
CA ALA C 25 3.90 -24.31 3.89
C ALA C 25 4.77 -23.21 4.49
N GLU C 26 4.54 -22.92 5.77
CA GLU C 26 5.27 -21.86 6.46
C GLU C 26 6.78 -22.09 6.48
N PRO C 27 7.56 -21.02 6.27
CA PRO C 27 9.02 -21.08 6.36
C PRO C 27 9.49 -21.17 7.80
N PRO C 28 10.68 -21.72 8.02
CA PRO C 28 11.22 -21.82 9.39
C PRO C 28 11.82 -20.52 9.88
N ILE C 29 11.91 -20.36 11.19
CA ILE C 29 12.59 -19.20 11.75
C ILE C 29 14.09 -19.48 11.81
N LEU C 30 14.84 -18.78 10.97
CA LEU C 30 16.27 -19.00 10.86
C LEU C 30 17.02 -18.31 12.00
N TYR C 31 18.25 -18.74 12.22
CA TYR C 31 19.09 -18.13 13.24
C TYR C 31 20.12 -17.19 12.63
N SER C 32 20.54 -16.20 13.41
CA SER C 32 21.58 -15.27 12.97
C SER C 32 22.94 -15.74 13.47
N GLU C 33 24.00 -15.30 12.79
CA GLU C 33 25.36 -15.60 13.20
C GLU C 33 25.82 -14.57 14.23
N TYR C 34 24.87 -14.06 15.00
CA TYR C 34 25.12 -12.98 15.95
C TYR C 34 26.03 -13.41 17.10
N ASP C 35 26.97 -12.54 17.45
CA ASP C 35 27.89 -12.78 18.55
C ASP C 35 27.81 -11.61 19.54
N PRO C 36 26.99 -11.77 20.59
CA PRO C 36 26.76 -10.71 21.58
C PRO C 36 27.97 -10.42 22.46
N THR C 37 29.10 -11.08 22.20
CA THR C 37 30.32 -10.82 22.95
C THR C 37 30.90 -9.46 22.58
N ARG C 38 30.56 -8.98 21.39
CA ARG C 38 31.02 -7.69 20.92
C ARG C 38 29.87 -6.72 20.70
N PRO C 39 30.07 -5.44 21.03
CA PRO C 39 29.07 -4.42 20.77
C PRO C 39 28.91 -4.17 19.27
N PHE C 40 27.67 -4.01 18.81
CA PHE C 40 27.40 -3.86 17.39
C PHE C 40 27.92 -2.54 16.84
N SER C 41 28.10 -2.49 15.52
CA SER C 41 28.48 -1.27 14.83
C SER C 41 27.46 -0.96 13.73
N GLU C 42 27.95 -0.66 12.53
CA GLU C 42 27.07 -0.42 11.40
C GLU C 42 27.24 -1.51 10.34
N ALA C 43 28.48 -1.73 9.93
CA ALA C 43 28.78 -2.76 8.94
C ALA C 43 28.48 -4.15 9.48
N SER C 44 28.78 -4.35 10.77
CA SER C 44 28.52 -5.63 11.41
C SER C 44 27.02 -5.92 11.45
N MET C 45 26.24 -4.94 11.93
CA MET C 45 24.80 -5.08 12.00
C MET C 45 24.19 -5.27 10.61
N MET C 46 24.60 -4.42 9.67
CA MET C 46 24.15 -4.52 8.29
C MET C 46 24.54 -5.86 7.68
N GLY C 47 25.71 -6.36 8.05
CA GLY C 47 26.18 -7.65 7.58
C GLY C 47 25.32 -8.79 8.10
N LEU C 48 24.92 -8.70 9.36
CA LEU C 48 24.07 -9.71 9.98
C LEU C 48 22.69 -9.74 9.34
N LEU C 49 22.11 -8.57 9.16
CA LEU C 49 20.77 -8.45 8.58
C LEU C 49 20.74 -8.92 7.13
N THR C 50 21.75 -8.53 6.36
CA THR C 50 21.86 -8.93 4.96
C THR C 50 21.98 -10.45 4.83
N ASN C 51 22.87 -11.03 5.64
CA ASN C 51 23.05 -12.48 5.67
C ASN C 51 21.74 -13.18 6.04
N LEU C 52 21.03 -12.63 7.01
CA LEU C 52 19.78 -13.20 7.47
C LEU C 52 18.68 -13.10 6.42
N ALA C 53 18.50 -11.89 5.88
CA ALA C 53 17.46 -11.65 4.88
C ALA C 53 17.68 -12.50 3.63
N ASP C 54 18.93 -12.66 3.23
CA ASP C 54 19.25 -13.45 2.06
C ASP C 54 18.84 -14.91 2.22
N ARG C 55 19.12 -15.47 3.40
CA ARG C 55 18.75 -16.85 3.67
C ARG C 55 17.23 -16.99 3.80
N GLU C 56 16.58 -15.94 4.27
CA GLU C 56 15.12 -15.92 4.35
C GLU C 56 14.50 -15.87 2.95
N LEU C 57 15.17 -15.17 2.03
CA LEU C 57 14.70 -15.08 0.65
C LEU C 57 14.62 -16.46 -0.01
N VAL C 58 15.66 -17.27 0.21
CA VAL C 58 15.70 -18.62 -0.34
C VAL C 58 14.50 -19.44 0.09
N HIS C 59 14.16 -19.37 1.38
CA HIS C 59 13.02 -20.09 1.92
C HIS C 59 11.70 -19.52 1.42
N MET C 60 11.65 -18.20 1.27
CA MET C 60 10.44 -17.54 0.79
C MET C 60 10.11 -17.98 -0.63
N ILE C 61 11.14 -18.10 -1.46
CA ILE C 61 10.99 -18.51 -2.85
C ILE C 61 10.38 -19.91 -2.93
N ASN C 62 10.80 -20.78 -2.01
CA ASN C 62 10.24 -22.13 -1.95
C ASN C 62 8.90 -22.16 -1.23
N TRP C 63 8.67 -21.17 -0.36
CA TRP C 63 7.36 -21.00 0.25
C TRP C 63 6.33 -20.59 -0.79
N ALA C 64 6.74 -19.71 -1.68
CA ALA C 64 5.85 -19.15 -2.71
C ALA C 64 5.31 -20.25 -3.62
N LYS C 65 6.16 -21.23 -3.95
CA LYS C 65 5.77 -22.33 -4.82
C LYS C 65 4.66 -23.18 -4.19
N ARG C 66 4.56 -23.13 -2.87
CA ARG C 66 3.57 -23.93 -2.14
C ARG C 66 2.27 -23.17 -1.93
N VAL C 67 2.28 -21.87 -2.21
CA VAL C 67 1.08 -21.06 -2.11
C VAL C 67 0.09 -21.46 -3.21
N PRO C 68 -1.13 -21.88 -2.79
CA PRO C 68 -2.19 -22.34 -3.70
C PRO C 68 -2.46 -21.37 -4.85
N GLY C 69 -2.26 -21.83 -6.08
CA GLY C 69 -2.50 -21.02 -7.26
C GLY C 69 -1.24 -20.47 -7.88
N PHE C 70 -0.23 -20.23 -7.06
CA PHE C 70 1.04 -19.66 -7.50
C PHE C 70 1.75 -20.58 -8.50
N VAL C 71 1.64 -21.88 -8.27
CA VAL C 71 2.29 -22.88 -9.12
C VAL C 71 1.65 -22.90 -10.51
N ASP C 72 0.40 -22.46 -10.60
CA ASP C 72 -0.35 -22.50 -11.85
C ASP C 72 -0.03 -21.35 -12.80
N LEU C 73 1.03 -20.60 -12.51
CA LEU C 73 1.39 -19.45 -13.35
C LEU C 73 2.70 -19.67 -14.08
N THR C 74 2.93 -18.88 -15.12
CA THR C 74 4.18 -18.93 -15.87
C THR C 74 5.33 -18.42 -15.00
N LEU C 75 6.56 -18.63 -15.47
CA LEU C 75 7.73 -18.20 -14.72
C LEU C 75 7.75 -16.68 -14.59
N HIS C 76 7.84 -15.99 -15.73
CA HIS C 76 7.80 -14.54 -15.74
C HIS C 76 6.40 -14.04 -15.35
N ASP C 77 6.11 -14.17 -14.07
CA ASP C 77 4.84 -13.81 -13.44
C ASP C 77 5.03 -14.13 -11.97
N GLN C 78 5.46 -15.37 -11.73
CA GLN C 78 6.00 -15.78 -10.45
C GLN C 78 7.22 -14.91 -10.14
N VAL C 79 8.08 -14.76 -11.14
CA VAL C 79 9.24 -13.89 -11.05
C VAL C 79 8.78 -12.46 -10.76
N HIS C 80 7.77 -12.01 -11.49
CA HIS C 80 7.27 -10.65 -11.35
C HIS C 80 6.66 -10.41 -9.97
N LEU C 81 5.80 -11.33 -9.52
CA LEU C 81 5.15 -11.21 -8.22
C LEU C 81 6.16 -11.21 -7.08
N LEU C 82 7.17 -12.08 -7.17
CA LEU C 82 8.20 -12.15 -6.15
C LEU C 82 9.09 -10.92 -6.16
N GLU C 83 9.34 -10.38 -7.35
CA GLU C 83 10.17 -9.19 -7.49
C GLU C 83 9.51 -7.98 -6.82
N CYS C 84 8.19 -7.97 -6.82
CA CYS C 84 7.44 -6.84 -6.27
C CYS C 84 7.15 -7.01 -4.77
N ALA C 85 6.98 -8.25 -4.34
CA ALA C 85 6.44 -8.50 -3.00
C ALA C 85 7.45 -9.03 -1.98
N TRP C 86 8.68 -9.31 -2.42
CA TRP C 86 9.66 -9.99 -1.56
C TRP C 86 9.94 -9.25 -0.25
N LEU C 87 10.07 -7.93 -0.32
CA LEU C 87 10.34 -7.15 0.89
C LEU C 87 9.11 -7.04 1.76
N GLU C 88 7.93 -6.95 1.13
CA GLU C 88 6.67 -6.94 1.87
C GLU C 88 6.49 -8.23 2.68
N ILE C 89 6.86 -9.35 2.08
CA ILE C 89 6.73 -10.65 2.72
C ILE C 89 7.77 -10.83 3.83
N LEU C 90 8.99 -10.37 3.58
CA LEU C 90 10.04 -10.40 4.59
C LEU C 90 9.68 -9.53 5.79
N MET C 91 9.04 -8.40 5.52
CA MET C 91 8.70 -7.45 6.58
C MET C 91 7.52 -7.93 7.42
N ILE C 92 6.49 -8.46 6.77
CA ILE C 92 5.30 -8.92 7.51
C ILE C 92 5.63 -10.17 8.32
N GLY C 93 6.62 -10.94 7.85
CA GLY C 93 7.08 -12.11 8.58
C GLY C 93 7.84 -11.69 9.82
N LEU C 94 8.68 -10.66 9.67
CA LEU C 94 9.42 -10.10 10.79
C LEU C 94 8.48 -9.53 11.83
N VAL C 95 7.50 -8.76 11.38
CA VAL C 95 6.49 -8.16 12.25
C VAL C 95 5.72 -9.23 13.02
N TRP C 96 5.37 -10.31 12.34
CA TRP C 96 4.59 -11.38 12.95
C TRP C 96 5.34 -12.10 14.08
N ARG C 97 6.60 -12.46 13.83
CA ARG C 97 7.37 -13.17 14.85
C ARG C 97 7.90 -12.21 15.90
N SER C 98 7.63 -10.92 15.74
CA SER C 98 8.00 -9.92 16.73
C SER C 98 6.80 -9.49 17.56
N MET C 99 5.69 -10.20 17.38
CA MET C 99 4.41 -9.81 17.97
C MET C 99 4.39 -9.90 19.50
N GLU C 100 5.05 -10.91 20.05
CA GLU C 100 5.04 -11.12 21.50
C GLU C 100 6.21 -10.41 22.17
N HIS C 101 6.87 -9.51 21.44
CA HIS C 101 7.99 -8.76 21.99
C HIS C 101 7.80 -7.25 21.78
N PRO C 102 7.03 -6.61 22.67
CA PRO C 102 6.73 -5.17 22.60
C PRO C 102 7.98 -4.31 22.55
N GLY C 103 8.03 -3.39 21.59
CA GLY C 103 9.15 -2.48 21.44
C GLY C 103 10.39 -3.16 20.89
N LYS C 104 10.22 -4.37 20.36
CA LYS C 104 11.34 -5.13 19.85
C LYS C 104 11.03 -5.82 18.53
N LEU C 105 12.07 -5.97 17.70
CA LEU C 105 11.94 -6.71 16.44
C LEU C 105 12.76 -8.00 16.51
N LEU C 106 12.06 -9.14 16.43
CA LEU C 106 12.73 -10.43 16.47
C LEU C 106 13.19 -10.86 15.08
N PHE C 107 14.36 -10.37 14.67
CA PHE C 107 14.95 -10.76 13.40
C PHE C 107 15.29 -12.24 13.43
N ALA C 108 15.71 -12.69 14.61
CA ALA C 108 16.04 -14.09 14.84
C ALA C 108 15.89 -14.36 16.34
N PRO C 109 15.71 -15.62 16.74
CA PRO C 109 15.56 -15.96 18.16
C PRO C 109 16.73 -15.46 19.00
N ASN C 110 17.90 -15.30 18.38
CA ASN C 110 19.08 -14.80 19.07
C ASN C 110 19.41 -13.36 18.66
N LEU C 111 18.52 -12.74 17.88
CA LEU C 111 18.73 -11.37 17.44
C LEU C 111 17.47 -10.53 17.65
N LEU C 112 17.29 -10.05 18.87
CA LEU C 112 16.13 -9.24 19.23
C LEU C 112 16.56 -7.79 19.42
N LEU C 113 16.04 -6.89 18.58
CA LEU C 113 16.48 -5.50 18.59
C LEU C 113 15.35 -4.52 18.87
N ASP C 114 15.68 -3.42 19.54
CA ASP C 114 14.74 -2.32 19.73
C ASP C 114 15.15 -1.13 18.86
N ARG C 115 14.50 0.01 19.06
CA ARG C 115 14.68 1.13 18.14
C ARG C 115 15.93 1.96 18.40
N ASN C 116 16.65 1.66 19.48
CA ASN C 116 17.87 2.41 19.78
C ASN C 116 19.13 1.76 19.20
N GLN C 117 19.06 0.44 18.99
CA GLN C 117 20.14 -0.25 18.29
C GLN C 117 19.95 -0.11 16.79
N GLY C 118 18.69 0.04 16.38
CA GLY C 118 18.36 0.28 14.99
C GLY C 118 18.60 1.73 14.62
N LYS C 119 18.89 2.55 15.63
CA LYS C 119 19.19 3.97 15.43
C LYS C 119 20.49 4.14 14.67
N CYS C 120 21.27 3.07 14.58
CA CYS C 120 22.51 3.07 13.82
C CYS C 120 22.22 3.07 12.31
N VAL C 121 23.03 2.30 11.58
CA VAL C 121 22.88 2.05 10.12
C VAL C 121 22.29 3.15 9.23
N GLU C 122 22.04 4.33 9.79
CA GLU C 122 21.61 5.53 9.06
C GLU C 122 20.28 5.38 8.32
N GLY C 123 19.25 6.04 8.83
CA GLY C 123 17.97 6.14 8.14
C GLY C 123 17.08 4.90 8.22
N MET C 124 17.52 3.90 8.98
CA MET C 124 16.74 2.68 9.12
C MET C 124 15.83 2.74 10.36
N VAL C 125 16.16 3.63 11.28
CA VAL C 125 15.41 3.75 12.53
C VAL C 125 13.97 4.20 12.26
N GLU C 126 13.76 4.96 11.20
CA GLU C 126 12.41 5.35 10.79
C GLU C 126 11.62 4.13 10.35
N ILE C 127 12.26 3.28 9.57
CA ILE C 127 11.64 2.05 9.11
C ILE C 127 11.37 1.12 10.29
N PHE C 128 12.31 1.10 11.24
CA PHE C 128 12.16 0.32 12.46
C PHE C 128 10.91 0.70 13.24
N ASP C 129 10.70 2.00 13.40
CA ASP C 129 9.52 2.51 14.11
C ASP C 129 8.24 2.10 13.40
N MET C 130 8.28 2.12 12.06
CA MET C 130 7.13 1.70 11.27
C MET C 130 6.87 0.19 11.43
N LEU C 131 7.95 -0.58 11.50
CA LEU C 131 7.85 -2.02 11.71
C LEU C 131 7.27 -2.31 13.10
N LEU C 132 7.72 -1.54 14.09
CA LEU C 132 7.22 -1.67 15.45
C LEU C 132 5.76 -1.29 15.57
N ALA C 133 5.38 -0.20 14.90
CA ALA C 133 4.01 0.29 14.93
C ALA C 133 3.06 -0.74 14.32
N THR C 134 3.53 -1.47 13.32
CA THR C 134 2.74 -2.51 12.68
C THR C 134 2.57 -3.71 13.62
N SER C 135 3.65 -4.06 14.32
CA SER C 135 3.61 -5.16 15.27
C SER C 135 2.70 -4.82 16.44
N SER C 136 2.73 -3.55 16.84
CA SER C 136 1.85 -3.07 17.90
C SER C 136 0.40 -3.14 17.45
N ARG C 137 0.18 -2.95 16.14
CA ARG C 137 -1.15 -3.01 15.57
C ARG C 137 -1.67 -4.44 15.52
N PHE C 138 -0.81 -5.38 15.13
CA PHE C 138 -1.17 -6.79 15.12
C PHE C 138 -1.51 -7.28 16.52
N ARG C 139 -0.76 -6.80 17.50
CA ARG C 139 -0.99 -7.16 18.90
C ARG C 139 -2.33 -6.60 19.37
N MET C 140 -2.63 -5.37 18.97
CA MET C 140 -3.88 -4.72 19.30
C MET C 140 -5.08 -5.49 18.77
N MET C 141 -4.96 -5.95 17.52
CA MET C 141 -6.03 -6.70 16.89
C MET C 141 -6.02 -8.16 17.30
N ASN C 142 -4.94 -8.56 18.00
CA ASN C 142 -4.70 -9.96 18.33
C ASN C 142 -4.77 -10.84 17.08
N LEU C 143 -3.88 -10.54 16.13
CA LEU C 143 -3.83 -11.27 14.87
C LEU C 143 -3.56 -12.75 15.09
N GLN C 144 -4.25 -13.59 14.33
CA GLN C 144 -4.09 -15.03 14.43
C GLN C 144 -3.19 -15.56 13.31
N GLY C 145 -2.56 -16.70 13.55
CA GLY C 145 -1.69 -17.31 12.57
C GLY C 145 -2.42 -17.67 11.30
N GLU C 146 -3.68 -18.08 11.45
CA GLU C 146 -4.53 -18.40 10.31
C GLU C 146 -4.79 -17.17 9.45
N GLU C 147 -4.85 -16.01 10.09
CA GLU C 147 -5.07 -14.75 9.40
C GLU C 147 -3.77 -14.25 8.77
N PHE C 148 -2.65 -14.56 9.42
CA PHE C 148 -1.34 -14.13 8.95
C PHE C 148 -0.96 -14.81 7.64
N VAL C 149 -1.13 -16.12 7.58
CA VAL C 149 -0.76 -16.89 6.41
C VAL C 149 -1.63 -16.51 5.20
N CYS C 150 -2.85 -16.05 5.48
CA CYS C 150 -3.73 -15.56 4.43
C CYS C 150 -3.24 -14.22 3.90
N LEU C 151 -2.98 -13.29 4.82
CA LEU C 151 -2.50 -11.95 4.47
C LEU C 151 -1.20 -12.00 3.68
N LYS C 152 -0.29 -12.87 4.09
CA LYS C 152 1.00 -13.00 3.43
C LYS C 152 0.83 -13.54 2.00
N SER C 153 -0.14 -14.43 1.83
CA SER C 153 -0.43 -14.99 0.51
C SER C 153 -1.18 -13.98 -0.35
N ILE C 154 -1.92 -13.08 0.29
CA ILE C 154 -2.58 -12.00 -0.42
C ILE C 154 -1.53 -11.03 -0.97
N ILE C 155 -0.57 -10.68 -0.13
CA ILE C 155 0.54 -9.83 -0.51
C ILE C 155 1.27 -10.34 -1.75
N LEU C 156 1.57 -11.63 -1.75
CA LEU C 156 2.28 -12.27 -2.85
C LEU C 156 1.55 -12.13 -4.18
N LEU C 157 0.24 -12.34 -4.15
CA LEU C 157 -0.55 -12.36 -5.38
C LEU C 157 -1.06 -10.98 -5.80
N ASN C 158 -1.19 -10.07 -4.84
CA ASN C 158 -1.81 -8.78 -5.11
C ASN C 158 -0.83 -7.66 -5.49
N SER C 159 0.32 -7.64 -4.83
CA SER C 159 1.25 -6.52 -4.94
C SER C 159 1.76 -6.27 -6.36
N GLY C 160 1.85 -7.32 -7.16
CA GLY C 160 2.40 -7.20 -8.50
C GLY C 160 1.41 -7.43 -9.63
N VAL C 161 0.14 -7.67 -9.28
CA VAL C 161 -0.86 -7.99 -10.27
C VAL C 161 -1.27 -6.78 -11.10
N TYR C 162 -1.03 -5.59 -10.57
CA TYR C 162 -1.45 -4.35 -11.24
C TYR C 162 -0.42 -3.87 -12.24
N THR C 163 0.75 -4.49 -12.25
CA THR C 163 1.79 -4.13 -13.21
C THR C 163 1.94 -5.24 -14.24
N PHE C 164 0.82 -5.67 -14.80
CA PHE C 164 0.81 -6.68 -15.85
C PHE C 164 0.46 -6.07 -17.19
N SER C 171 -4.71 -10.62 -23.21
CA SER C 171 -3.72 -11.32 -24.03
C SER C 171 -3.84 -12.84 -23.87
N LEU C 172 -4.17 -13.27 -22.66
CA LEU C 172 -4.33 -14.70 -22.37
C LEU C 172 -5.01 -14.92 -21.01
N GLU C 173 -5.87 -13.97 -20.63
CA GLU C 173 -6.57 -14.02 -19.34
C GLU C 173 -5.60 -14.15 -18.17
N GLU C 174 -4.84 -13.08 -17.92
CA GLU C 174 -3.77 -13.10 -16.93
C GLU C 174 -4.29 -13.22 -15.51
N LYS C 175 -5.04 -12.20 -15.10
CA LYS C 175 -5.32 -11.93 -13.69
C LYS C 175 -6.65 -12.47 -13.22
N ASP C 176 -7.49 -12.92 -14.15
CA ASP C 176 -8.79 -13.49 -13.79
C ASP C 176 -8.60 -14.71 -12.90
N HIS C 177 -7.50 -15.43 -13.09
CA HIS C 177 -7.16 -16.55 -12.23
C HIS C 177 -6.57 -16.07 -10.90
N ILE C 178 -5.75 -15.02 -10.98
CA ILE C 178 -5.12 -14.45 -9.79
C ILE C 178 -6.15 -13.81 -8.86
N HIS C 179 -7.01 -12.98 -9.43
CA HIS C 179 -8.07 -12.33 -8.67
C HIS C 179 -9.04 -13.35 -8.08
N ARG C 180 -9.20 -14.47 -8.79
CA ARG C 180 -10.13 -15.50 -8.38
C ARG C 180 -9.58 -16.28 -7.18
N VAL C 181 -8.27 -16.50 -7.17
CA VAL C 181 -7.62 -17.10 -6.01
C VAL C 181 -7.68 -16.11 -4.84
N LEU C 182 -7.48 -14.83 -5.15
CA LEU C 182 -7.58 -13.77 -4.16
C LEU C 182 -8.97 -13.70 -3.54
N ASP C 183 -9.98 -14.03 -4.34
CA ASP C 183 -11.36 -14.02 -3.87
C ASP C 183 -11.63 -15.13 -2.86
N LYS C 184 -10.98 -16.28 -3.05
CA LYS C 184 -11.19 -17.42 -2.18
C LYS C 184 -10.41 -17.27 -0.86
N ILE C 185 -9.27 -16.59 -0.92
CA ILE C 185 -8.51 -16.28 0.28
C ILE C 185 -9.33 -15.31 1.14
N THR C 186 -10.06 -14.43 0.48
CA THR C 186 -10.99 -13.54 1.15
C THR C 186 -12.08 -14.33 1.86
N ASP C 187 -12.62 -15.32 1.16
CA ASP C 187 -13.64 -16.21 1.73
C ASP C 187 -13.08 -16.98 2.92
N THR C 188 -11.80 -17.32 2.85
CA THR C 188 -11.14 -18.05 3.92
C THR C 188 -11.04 -17.20 5.18
N LEU C 189 -10.64 -15.94 5.02
CA LEU C 189 -10.57 -15.00 6.14
C LEU C 189 -11.92 -14.84 6.83
N ILE C 190 -12.98 -14.70 6.03
CA ILE C 190 -14.34 -14.57 6.54
C ILE C 190 -14.74 -15.83 7.31
N HIS C 191 -14.49 -17.00 6.72
CA HIS C 191 -14.69 -18.32 7.37
C HIS C 191 -14.17 -18.18 8.77
N LEU C 192 -12.88 -17.81 8.81
CA LEU C 192 -12.08 -17.84 10.03
C LEU C 192 -12.72 -17.00 11.10
N MET C 193 -13.15 -15.80 10.71
CA MET C 193 -13.78 -14.88 11.63
C MET C 193 -15.15 -15.38 12.08
N ALA C 194 -15.84 -16.09 11.19
CA ALA C 194 -17.17 -16.62 11.51
C ALA C 194 -17.10 -17.67 12.62
N LYS C 195 -16.02 -18.46 12.62
CA LYS C 195 -15.83 -19.47 13.65
C LYS C 195 -15.37 -18.86 14.97
N ALA C 196 -14.70 -17.71 14.89
CA ALA C 196 -14.21 -17.03 16.07
C ALA C 196 -15.35 -16.43 16.89
N GLY C 197 -16.56 -16.48 16.34
CA GLY C 197 -17.73 -15.99 17.04
C GLY C 197 -18.12 -14.58 16.64
N LEU C 198 -17.46 -14.05 15.61
CA LEU C 198 -17.71 -12.68 15.15
C LEU C 198 -19.00 -12.59 14.35
N THR C 199 -19.76 -11.52 14.59
CA THR C 199 -20.96 -11.25 13.82
C THR C 199 -20.57 -10.81 12.41
N LEU C 200 -21.53 -10.78 11.50
CA LEU C 200 -21.29 -10.41 10.10
C LEU C 200 -20.66 -9.03 9.98
N GLN C 201 -21.17 -8.08 10.77
CA GLN C 201 -20.63 -6.72 10.76
C GLN C 201 -19.19 -6.72 11.26
N GLN C 202 -18.92 -7.54 12.27
CA GLN C 202 -17.57 -7.66 12.83
C GLN C 202 -16.61 -8.32 11.83
N GLN C 203 -17.14 -9.21 11.00
CA GLN C 203 -16.34 -9.90 9.99
C GLN C 203 -15.84 -8.94 8.92
N HIS C 204 -16.77 -8.13 8.39
CA HIS C 204 -16.41 -7.14 7.37
C HIS C 204 -15.41 -6.13 7.91
N GLN C 205 -15.70 -5.61 9.10
CA GLN C 205 -14.83 -4.63 9.75
C GLN C 205 -13.42 -5.15 9.92
N ARG C 206 -13.29 -6.34 10.49
CA ARG C 206 -11.98 -6.95 10.72
C ARG C 206 -11.27 -7.23 9.40
N LEU C 207 -12.04 -7.66 8.40
CA LEU C 207 -11.52 -7.88 7.06
C LEU C 207 -10.92 -6.60 6.51
N ALA C 208 -11.61 -5.49 6.74
CA ALA C 208 -11.14 -4.18 6.29
C ALA C 208 -9.87 -3.76 7.02
N GLN C 209 -9.90 -3.85 8.35
CA GLN C 209 -8.77 -3.49 9.18
C GLN C 209 -7.50 -4.24 8.78
N LEU C 210 -7.65 -5.53 8.51
CA LEU C 210 -6.52 -6.38 8.11
C LEU C 210 -5.94 -5.95 6.77
N LEU C 211 -6.82 -5.68 5.82
CA LEU C 211 -6.39 -5.35 4.46
C LEU C 211 -5.80 -3.95 4.37
N LEU C 212 -6.24 -3.06 5.25
CA LEU C 212 -5.69 -1.71 5.29
C LEU C 212 -4.24 -1.72 5.78
N ILE C 213 -3.88 -2.74 6.56
CA ILE C 213 -2.51 -2.92 7.01
C ILE C 213 -1.56 -3.08 5.83
N LEU C 214 -2.05 -3.78 4.80
CA LEU C 214 -1.25 -4.06 3.62
C LEU C 214 -0.80 -2.79 2.92
N SER C 215 -1.62 -1.74 3.03
CA SER C 215 -1.27 -0.44 2.48
C SER C 215 -0.05 0.13 3.19
N HIS C 216 -0.04 0.02 4.51
CA HIS C 216 1.09 0.47 5.31
C HIS C 216 2.31 -0.41 5.10
N ILE C 217 2.07 -1.71 4.90
CA ILE C 217 3.14 -2.67 4.63
C ILE C 217 3.79 -2.37 3.29
N ARG C 218 2.98 -1.97 2.32
CA ARG C 218 3.49 -1.55 1.01
C ARG C 218 4.36 -0.31 1.16
N HIS C 219 3.93 0.60 2.04
CA HIS C 219 4.64 1.84 2.30
C HIS C 219 6.02 1.58 2.90
N MET C 220 6.07 0.69 3.89
CA MET C 220 7.32 0.32 4.53
C MET C 220 8.28 -0.32 3.54
N SER C 221 7.74 -1.18 2.68
CA SER C 221 8.54 -1.85 1.65
C SER C 221 9.18 -0.86 0.70
N ASN C 222 8.40 0.12 0.25
CA ASN C 222 8.90 1.15 -0.65
C ASN C 222 10.03 1.96 -0.02
N LYS C 223 9.84 2.35 1.24
CA LYS C 223 10.85 3.09 1.97
C LYS C 223 12.09 2.22 2.23
N GLY C 224 11.84 0.96 2.56
CA GLY C 224 12.92 0.02 2.79
C GLY C 224 13.67 -0.27 1.51
N MET C 225 12.93 -0.32 0.39
CA MET C 225 13.54 -0.56 -0.91
C MET C 225 14.49 0.56 -1.28
N GLU C 226 14.07 1.80 -1.02
CA GLU C 226 14.91 2.97 -1.28
C GLU C 226 16.11 3.01 -0.34
N HIS C 227 15.89 2.55 0.89
CA HIS C 227 16.95 2.54 1.90
C HIS C 227 18.03 1.52 1.56
N LEU C 228 17.64 0.41 0.97
CA LEU C 228 18.59 -0.63 0.57
C LEU C 228 19.38 -0.21 -0.66
N TYR C 229 18.74 0.57 -1.54
CA TYR C 229 19.42 1.12 -2.70
C TYR C 229 20.48 2.11 -2.26
N SER C 230 20.19 2.81 -1.17
CA SER C 230 21.16 3.72 -0.57
C SER C 230 22.41 3.00 -0.06
N MET C 231 22.23 1.78 0.47
CA MET C 231 23.24 1.14 1.32
C MET C 231 24.54 0.64 0.68
N LYS C 232 24.54 0.34 -0.63
CA LYS C 232 25.75 -0.24 -1.23
C LYS C 232 26.14 0.52 -2.55
N CYS C 233 25.51 1.67 -2.77
CA CYS C 233 26.21 2.74 -3.45
C CYS C 233 27.00 3.44 -2.35
N LYS C 234 26.57 3.15 -1.12
CA LYS C 234 27.26 3.58 0.09
C LYS C 234 28.44 2.66 0.36
N ASN C 235 28.41 1.46 -0.21
CA ASN C 235 29.53 0.52 -0.13
C ASN C 235 29.96 0.12 1.29
N VAL C 236 28.99 -0.14 2.16
CA VAL C 236 29.28 -0.68 3.48
C VAL C 236 29.55 -2.17 3.35
N VAL C 237 28.76 -2.99 4.03
CA VAL C 237 28.81 -4.43 3.85
C VAL C 237 28.03 -4.80 2.58
N PRO C 238 28.72 -5.36 1.59
CA PRO C 238 28.17 -5.68 0.27
C PRO C 238 27.08 -6.74 0.28
N LEU C 239 26.06 -6.49 -0.54
CA LEU C 239 24.87 -7.32 -0.53
C LEU C 239 25.12 -8.71 -1.08
N SER C 240 24.20 -9.62 -0.73
CA SER C 240 24.06 -10.89 -1.43
C SER C 240 23.71 -10.61 -2.86
N ASP C 241 24.12 -11.50 -3.76
CA ASP C 241 23.84 -11.34 -5.18
C ASP C 241 22.35 -11.49 -5.48
N LEU C 242 21.64 -12.18 -4.59
CA LEU C 242 20.20 -12.37 -4.75
C LEU C 242 19.43 -11.11 -4.38
N LEU C 243 19.83 -10.46 -3.29
CA LEU C 243 19.18 -9.24 -2.86
C LEU C 243 19.35 -8.14 -3.91
N LEU C 244 20.56 -8.04 -4.46
CA LEU C 244 20.83 -7.07 -5.51
C LEU C 244 19.97 -7.33 -6.74
N GLU C 245 19.67 -8.60 -6.99
CA GLU C 245 18.78 -8.96 -8.09
C GLU C 245 17.37 -8.45 -7.84
N MET C 246 16.88 -8.69 -6.61
CA MET C 246 15.56 -8.22 -6.22
C MET C 246 15.53 -6.70 -6.14
N LEU C 247 16.67 -6.12 -5.78
CA LEU C 247 16.78 -4.68 -5.60
C LEU C 247 16.75 -3.94 -6.93
N ASP C 248 17.32 -4.56 -7.96
CA ASP C 248 17.32 -3.96 -9.29
C ASP C 248 16.05 -4.33 -10.06
N ALA C 249 15.04 -4.76 -9.33
CA ALA C 249 13.71 -4.97 -9.90
C ALA C 249 12.85 -3.75 -9.61
N HIS C 250 13.37 -2.87 -8.77
CA HIS C 250 12.73 -1.60 -8.48
C HIS C 250 13.22 -0.54 -9.47
N ARG C 251 13.37 -0.95 -10.73
CA ARG C 251 13.85 -0.06 -11.78
C ARG C 251 13.23 -0.44 -13.13
N LYS D 3 21.05 -15.10 -13.41
CA LYS D 3 19.82 -14.77 -12.68
C LYS D 3 19.65 -15.84 -11.60
N ILE D 4 19.72 -15.46 -10.33
CA ILE D 4 19.57 -16.41 -9.22
C ILE D 4 18.10 -16.79 -9.02
N LEU D 5 17.27 -15.81 -8.67
CA LEU D 5 15.82 -16.02 -8.69
C LEU D 5 15.42 -16.30 -10.13
N HIS D 6 15.71 -17.51 -10.56
CA HIS D 6 15.56 -17.93 -11.93
C HIS D 6 16.05 -19.35 -11.95
N ARG D 7 16.74 -19.68 -10.86
CA ARG D 7 17.21 -21.02 -10.59
C ARG D 7 16.36 -21.60 -9.46
N LEU D 8 16.31 -20.86 -8.36
CA LEU D 8 15.57 -21.25 -7.16
C LEU D 8 14.10 -21.55 -7.44
N LEU D 9 13.56 -20.98 -8.51
CA LEU D 9 12.16 -21.22 -8.86
C LEU D 9 11.94 -22.58 -9.54
N GLN D 10 12.89 -23.05 -10.35
CA GLN D 10 12.76 -24.38 -10.94
C GLN D 10 13.71 -25.37 -10.29
N ASP D 11 14.76 -24.89 -9.62
CA ASP D 11 15.61 -25.79 -8.85
C ASP D 11 14.85 -26.31 -7.63
O01 5FS E . -3.83 17.69 -10.62
C02 5FS E . 0.37 14.35 -11.05
C03 5FS E . 1.65 14.70 -11.05
C04 5FS E . 2.43 13.70 -11.42
C05 5FS E . -0.70 15.14 -10.92
C06 5FS E . 2.18 15.87 -10.66
C07 5FS E . -1.85 14.79 -10.32
C08 5FS E . -2.84 15.65 -10.25
C09 5FS E . -2.79 16.86 -10.73
C10 5FS E . -1.66 17.23 -11.32
C12 5FS E . 2.03 16.39 -9.46
C13 5FS E . 2.60 17.54 -9.17
C14 5FS E . 3.31 18.24 -10.05
C15 5FS E . 3.45 17.71 -11.25
C16 5FS E . 2.89 16.55 -11.54
C17 5FS E . -2.17 13.45 -9.70
C18 5FS E . 1.27 15.76 -8.34
C01 5FS E . 0.24 13.16 -11.63
S01 5FS E . 1.69 12.18 -11.91
C11 5FS E . -0.64 16.38 -11.41
O02 5FS E . 3.88 19.41 -9.73
O03 5FS E . 1.86 11.90 -13.27
O04 5FS E . 1.92 11.26 -10.90
O01 5FS F . 15.27 -11.23 7.66
C02 5FS F . 15.23 -5.84 7.10
C03 5FS F . 16.19 -5.11 6.50
C04 5FS F . 16.12 -3.84 6.86
C05 5FS F . 15.17 -7.17 7.23
C06 5FS F . 17.13 -5.52 5.65
C07 5FS F . 14.07 -7.94 7.10
C08 5FS F . 14.14 -9.25 7.25
C09 5FS F . 15.25 -9.90 7.52
C10 5FS F . 16.34 -9.16 7.64
C12 5FS F . 16.89 -6.18 4.52
C13 5FS F . 17.90 -6.53 3.76
C14 5FS F . 19.17 -6.28 4.04
C15 5FS F . 19.41 -5.61 5.15
C16 5FS F . 18.40 -5.25 5.94
C17 5FS F . 12.68 -7.46 6.80
C18 5FS F . 15.53 -6.58 4.04
C01 5FS F . 14.50 -5.03 7.87
S01 5FS F . 14.68 -3.27 7.70
C11 5FS F . 16.29 -7.85 7.49
O02 5FS F . 20.18 -6.66 3.24
O03 5FS F . 15.00 -2.65 8.94
O04 5FS F . 13.72 -2.75 6.81
#